data_5IHC
#
_entry.id   5IHC
#
_cell.length_a   57.370
_cell.length_b   67.810
_cell.length_c   103.860
_cell.angle_alpha   90.000
_cell.angle_beta   90.000
_cell.angle_gamma   90.000
#
_symmetry.space_group_name_H-M   'P 21 21 21'
#
loop_
_entity.id
_entity.type
_entity.pdbx_description
1 polymer 'Maternal embryonic leucine zipper kinase'
2 non-polymer 4-[1-(2-fluorophenyl)-1H-pyrazol-4-yl]-3-[(piperidin-4-yl)methoxy]pyridine
3 water water
#
_entity_poly.entity_id   1
_entity_poly.type   'polypeptide(L)'
_entity_poly.pdbx_seq_one_letter_code
;MDYDELLKYYELHETIGTGGFAKVKLACHILTGEMVAIKIMDKNTLGSDLPRIKTEIEALKNLRHQHICQLYHVLETANK
IFMVLEYCPGGELFDYIISQDRLSEEETRVVFRQIVSAVAYVHSQGYAHRDLKPENLLFDEYHKLKLIDFGLCAKPKGNK
DYHLQTCCGSLAYAAPELIQGKSYLGSEADVWSMGILLYVLMCGFLPFDDDNVMALYKKIMRGKYDVPKWLSPSSILLLQ
QMLQVDPKKRISMKNLLNHPWIMQDYNYPVEWQSKNPFIHLDDDCVTELSVHHRNNRQTMEDLISLWQYDHLTATYLLLL
AKKARGKPVHHHHHH
;
_entity_poly.pdbx_strand_id   A
#
# COMPACT_ATOMS: atom_id res chain seq x y z
N MET A 1 -4.55 -25.83 -16.94
CA MET A 1 -3.88 -26.23 -15.71
C MET A 1 -3.83 -25.10 -14.68
N ASP A 2 -3.19 -23.98 -15.05
CA ASP A 2 -2.92 -22.82 -14.20
C ASP A 2 -4.10 -22.29 -13.39
N TYR A 3 -5.29 -22.19 -13.99
CA TYR A 3 -6.48 -21.60 -13.37
C TYR A 3 -7.46 -22.54 -12.68
N ASP A 4 -7.27 -23.85 -12.78
CA ASP A 4 -8.18 -24.83 -12.20
C ASP A 4 -8.56 -24.66 -10.74
N GLU A 5 -7.57 -24.61 -9.82
CA GLU A 5 -7.84 -24.44 -8.39
C GLU A 5 -8.48 -23.08 -8.05
N LEU A 6 -7.99 -21.99 -8.70
CA LEU A 6 -8.49 -20.62 -8.50
C LEU A 6 -9.98 -20.55 -8.82
N LEU A 7 -10.40 -21.17 -9.95
CA LEU A 7 -11.78 -21.20 -10.45
C LEU A 7 -12.79 -21.92 -9.56
N LYS A 8 -12.31 -22.68 -8.57
CA LYS A 8 -13.17 -23.34 -7.58
C LYS A 8 -13.68 -22.31 -6.58
N TYR A 9 -12.93 -21.20 -6.37
CA TYR A 9 -13.26 -20.18 -5.37
C TYR A 9 -13.66 -18.80 -5.92
N TYR A 10 -13.16 -18.47 -7.11
CA TYR A 10 -13.40 -17.15 -7.70
C TYR A 10 -14.00 -17.24 -9.08
N GLU A 11 -14.90 -16.30 -9.40
CA GLU A 11 -15.47 -16.12 -10.73
C GLU A 11 -14.63 -14.97 -11.31
N LEU A 12 -13.86 -15.24 -12.37
CA LEU A 12 -12.96 -14.26 -12.97
C LEU A 12 -13.65 -13.27 -13.88
N HIS A 13 -13.32 -11.98 -13.73
CA HIS A 13 -13.83 -10.94 -14.61
C HIS A 13 -12.65 -10.44 -15.46
N GLU A 14 -12.63 -9.16 -15.85
CA GLU A 14 -11.58 -8.59 -16.71
C GLU A 14 -10.25 -8.21 -16.08
N THR A 15 -9.21 -8.14 -16.94
CA THR A 15 -7.88 -7.69 -16.61
C THR A 15 -7.95 -6.17 -16.45
N ILE A 16 -7.28 -5.63 -15.42
CA ILE A 16 -7.19 -4.19 -15.18
C ILE A 16 -5.75 -3.65 -15.21
N GLY A 17 -4.77 -4.55 -15.13
CA GLY A 17 -3.35 -4.20 -15.14
C GLY A 17 -2.46 -5.33 -15.59
N THR A 18 -1.29 -4.98 -16.19
CA THR A 18 -0.29 -5.95 -16.68
C THR A 18 1.12 -5.51 -16.30
N ALA A 22 3.58 -9.19 -13.51
CA ALA A 22 2.30 -9.53 -12.90
C ALA A 22 1.09 -8.93 -13.63
N LYS A 23 0.06 -9.76 -13.89
CA LYS A 23 -1.21 -9.33 -14.48
C LYS A 23 -2.22 -9.16 -13.31
N VAL A 24 -3.15 -8.19 -13.40
CA VAL A 24 -4.15 -7.99 -12.35
C VAL A 24 -5.56 -8.14 -12.90
N LYS A 25 -6.33 -9.09 -12.33
CA LYS A 25 -7.70 -9.33 -12.74
C LYS A 25 -8.70 -9.05 -11.66
N LEU A 26 -9.86 -8.51 -12.04
CA LEU A 26 -10.95 -8.33 -11.11
C LEU A 26 -11.68 -9.66 -11.04
N ALA A 27 -12.20 -9.99 -9.86
CA ALA A 27 -12.88 -11.26 -9.68
C ALA A 27 -13.91 -11.16 -8.59
N CYS A 28 -14.72 -12.19 -8.47
CA CYS A 28 -15.76 -12.26 -7.46
C CYS A 28 -15.49 -13.50 -6.60
N HIS A 29 -15.51 -13.35 -5.28
CA HIS A 29 -15.36 -14.50 -4.38
C HIS A 29 -16.74 -15.23 -4.38
N ILE A 30 -16.80 -16.48 -4.89
CA ILE A 30 -18.05 -17.25 -5.02
C ILE A 30 -18.92 -17.31 -3.76
N LEU A 31 -18.34 -17.81 -2.65
CA LEU A 31 -19.02 -17.99 -1.36
C LEU A 31 -19.69 -16.74 -0.78
N THR A 32 -18.98 -15.58 -0.76
CA THR A 32 -19.46 -14.34 -0.16
C THR A 32 -20.08 -13.33 -1.13
N GLY A 33 -19.73 -13.43 -2.42
CA GLY A 33 -20.15 -12.49 -3.45
C GLY A 33 -19.28 -11.24 -3.51
N GLU A 34 -18.24 -11.17 -2.66
CA GLU A 34 -17.36 -10.02 -2.57
C GLU A 34 -16.37 -9.93 -3.73
N MET A 35 -16.22 -8.71 -4.25
CA MET A 35 -15.27 -8.38 -5.31
C MET A 35 -13.87 -8.38 -4.69
N VAL A 36 -12.89 -8.82 -5.48
CA VAL A 36 -11.47 -8.91 -5.11
C VAL A 36 -10.66 -8.56 -6.35
N ALA A 37 -9.35 -8.34 -6.18
CA ALA A 37 -8.40 -8.16 -7.25
C ALA A 37 -7.46 -9.36 -7.17
N ILE A 38 -7.14 -9.97 -8.30
CA ILE A 38 -6.22 -11.12 -8.29
C ILE A 38 -4.92 -10.82 -9.05
N LYS A 39 -3.80 -10.83 -8.33
CA LYS A 39 -2.47 -10.60 -8.90
C LYS A 39 -1.97 -11.96 -9.39
N ILE A 40 -1.71 -12.07 -10.69
CA ILE A 40 -1.26 -13.32 -11.33
C ILE A 40 0.22 -13.20 -11.71
N MET A 41 1.06 -14.11 -11.20
CA MET A 41 2.49 -14.07 -11.49
C MET A 41 2.96 -15.36 -12.12
N ASP A 42 3.62 -15.24 -13.29
CA ASP A 42 4.18 -16.37 -14.01
C ASP A 42 5.55 -16.68 -13.41
N LYS A 43 5.69 -17.86 -12.81
CA LYS A 43 6.92 -18.30 -12.15
C LYS A 43 8.12 -18.40 -13.09
N ASN A 44 7.88 -18.90 -14.32
CA ASN A 44 8.89 -19.05 -15.38
C ASN A 44 9.43 -17.68 -15.82
N THR A 45 8.54 -16.67 -15.93
CA THR A 45 8.87 -15.29 -16.31
C THR A 45 9.77 -14.65 -15.25
N LEU A 46 9.45 -14.85 -13.95
CA LEU A 46 10.23 -14.34 -12.83
C LEU A 46 11.58 -15.05 -12.77
N GLY A 47 11.55 -16.39 -12.80
CA GLY A 47 12.72 -17.26 -12.78
C GLY A 47 13.66 -17.10 -11.61
N SER A 48 14.64 -16.18 -11.75
CA SER A 48 15.67 -15.89 -10.74
C SER A 48 15.23 -14.89 -9.67
N ASP A 49 14.32 -13.96 -10.03
CA ASP A 49 13.79 -12.97 -9.07
C ASP A 49 12.62 -13.53 -8.24
N LEU A 50 12.21 -14.80 -8.53
CA LEU A 50 11.16 -15.55 -7.83
C LEU A 50 11.33 -15.63 -6.30
N PRO A 51 12.51 -15.99 -5.71
CA PRO A 51 12.62 -16.01 -4.23
C PRO A 51 12.36 -14.66 -3.56
N ARG A 52 12.62 -13.55 -4.26
CA ARG A 52 12.40 -12.19 -3.76
C ARG A 52 10.92 -11.85 -3.72
N ILE A 53 10.13 -12.37 -4.70
CA ILE A 53 8.67 -12.20 -4.73
C ILE A 53 8.05 -13.01 -3.56
N LYS A 54 8.65 -14.16 -3.22
CA LYS A 54 8.23 -15.01 -2.11
C LYS A 54 8.47 -14.33 -0.75
N THR A 55 9.53 -13.49 -0.63
CA THR A 55 9.83 -12.77 0.63
C THR A 55 8.87 -11.60 0.80
N GLU A 56 8.44 -11.01 -0.33
CA GLU A 56 7.49 -9.91 -0.34
C GLU A 56 6.10 -10.39 0.08
N ILE A 57 5.68 -11.59 -0.39
CA ILE A 57 4.41 -12.24 -0.03
C ILE A 57 4.40 -12.51 1.49
N GLU A 58 5.52 -13.05 2.03
CA GLU A 58 5.69 -13.30 3.46
C GLU A 58 5.59 -12.01 4.28
N ALA A 59 6.13 -10.87 3.78
CA ALA A 59 6.04 -9.58 4.46
C ALA A 59 4.59 -9.11 4.49
N LEU A 60 3.86 -9.25 3.37
CA LEU A 60 2.44 -8.90 3.29
C LEU A 60 1.63 -9.72 4.28
N LYS A 61 1.98 -11.01 4.47
CA LYS A 61 1.28 -11.86 5.45
C LYS A 61 1.39 -11.28 6.85
N ASN A 62 2.42 -10.45 7.10
CA ASN A 62 2.69 -9.83 8.41
C ASN A 62 2.23 -8.39 8.56
N LEU A 63 1.55 -7.88 7.53
CA LEU A 63 1.04 -6.52 7.51
C LEU A 63 -0.47 -6.62 7.42
N ARG A 64 -1.16 -6.04 8.38
CA ARG A 64 -2.62 -6.01 8.45
C ARG A 64 -2.93 -4.65 8.98
N HIS A 65 -3.47 -3.80 8.12
CA HIS A 65 -3.67 -2.41 8.49
C HIS A 65 -4.72 -1.79 7.60
N GLN A 66 -5.45 -0.81 8.14
CA GLN A 66 -6.52 -0.06 7.50
C GLN A 66 -6.06 0.71 6.25
N HIS A 67 -4.75 1.02 6.15
CA HIS A 67 -4.20 1.70 4.97
C HIS A 67 -3.24 0.89 4.13
N ILE A 68 -3.32 -0.44 4.28
CA ILE A 68 -2.53 -1.37 3.48
C ILE A 68 -3.54 -2.29 2.79
N CYS A 69 -3.44 -2.41 1.47
CA CYS A 69 -4.30 -3.30 0.68
C CYS A 69 -4.10 -4.73 1.19
N GLN A 70 -5.18 -5.28 1.72
CA GLN A 70 -5.16 -6.56 2.42
C GLN A 70 -4.91 -7.80 1.54
N LEU A 71 -4.00 -8.68 1.99
CA LEU A 71 -3.82 -9.95 1.32
C LEU A 71 -4.90 -10.94 1.87
N TYR A 72 -5.65 -11.59 0.96
CA TYR A 72 -6.66 -12.55 1.43
C TYR A 72 -6.25 -14.00 1.26
N HIS A 73 -5.55 -14.29 0.16
CA HIS A 73 -5.33 -15.67 -0.26
C HIS A 73 -4.13 -15.75 -1.18
N VAL A 74 -3.30 -16.76 -0.95
CA VAL A 74 -2.13 -17.04 -1.79
C VAL A 74 -2.28 -18.45 -2.31
N LEU A 75 -2.32 -18.62 -3.65
CA LEU A 75 -2.45 -19.93 -4.32
C LEU A 75 -1.25 -20.13 -5.21
N GLU A 76 -0.55 -21.25 -5.05
CA GLU A 76 0.61 -21.56 -5.88
C GLU A 76 0.37 -22.87 -6.63
N THR A 77 0.65 -22.83 -7.95
CA THR A 77 0.54 -23.98 -8.85
C THR A 77 1.95 -24.31 -9.37
N ALA A 78 2.06 -25.13 -10.43
CA ALA A 78 3.34 -25.45 -11.05
C ALA A 78 3.93 -24.23 -11.77
N ASN A 79 3.08 -23.44 -12.46
CA ASN A 79 3.52 -22.28 -13.24
C ASN A 79 3.16 -20.91 -12.66
N LYS A 80 2.16 -20.83 -11.76
CA LYS A 80 1.70 -19.52 -11.27
C LYS A 80 1.60 -19.33 -9.76
N ILE A 81 1.66 -18.05 -9.34
CA ILE A 81 1.39 -17.60 -7.97
C ILE A 81 0.21 -16.64 -8.11
N PHE A 82 -0.87 -16.88 -7.34
CA PHE A 82 -2.04 -16.01 -7.32
C PHE A 82 -2.13 -15.34 -5.96
N MET A 83 -2.31 -14.02 -5.96
CA MET A 83 -2.46 -13.26 -4.75
C MET A 83 -3.81 -12.57 -4.85
N VAL A 84 -4.74 -12.96 -3.97
CA VAL A 84 -6.08 -12.37 -3.94
C VAL A 84 -6.01 -11.19 -2.95
N LEU A 85 -6.38 -9.99 -3.44
CA LEU A 85 -6.25 -8.78 -2.65
C LEU A 85 -7.51 -7.95 -2.56
N GLU A 86 -7.56 -7.06 -1.54
CA GLU A 86 -8.66 -6.12 -1.25
C GLU A 86 -8.98 -5.28 -2.48
N TYR A 87 -10.27 -5.18 -2.79
CA TYR A 87 -10.86 -4.48 -3.95
C TYR A 87 -10.83 -2.98 -3.71
N CYS A 88 -10.17 -2.21 -4.60
CA CYS A 88 -10.03 -0.75 -4.43
C CYS A 88 -10.58 -0.04 -5.66
N PRO A 89 -11.93 0.10 -5.77
CA PRO A 89 -12.53 0.65 -7.00
C PRO A 89 -12.31 2.14 -7.29
N GLY A 90 -11.80 2.88 -6.32
CA GLY A 90 -11.50 4.30 -6.51
C GLY A 90 -10.29 4.52 -7.41
N GLY A 91 -9.52 3.45 -7.66
CA GLY A 91 -8.33 3.49 -8.51
C GLY A 91 -7.13 4.17 -7.89
N GLU A 92 -6.12 4.49 -8.71
CA GLU A 92 -4.85 5.07 -8.27
C GLU A 92 -4.94 6.52 -7.83
N LEU A 93 -4.17 6.88 -6.82
CA LEU A 93 -4.04 8.27 -6.37
C LEU A 93 -3.38 9.06 -7.54
N PHE A 94 -2.50 8.41 -8.38
CA PHE A 94 -1.86 9.03 -9.56
C PHE A 94 -2.96 9.63 -10.46
N ASP A 95 -4.01 8.82 -10.80
CA ASP A 95 -5.13 9.23 -11.65
C ASP A 95 -5.98 10.29 -10.98
N TYR A 96 -6.13 10.20 -9.67
CA TYR A 96 -6.89 11.17 -8.89
C TYR A 96 -6.22 12.54 -8.95
N ILE A 97 -4.87 12.61 -8.76
CA ILE A 97 -4.11 13.88 -8.84
C ILE A 97 -4.29 14.54 -10.23
N ILE A 98 -4.12 13.76 -11.30
CA ILE A 98 -4.28 14.25 -12.68
C ILE A 98 -5.67 14.82 -12.93
N SER A 99 -6.73 14.09 -12.48
CA SER A 99 -8.11 14.54 -12.68
C SER A 99 -8.40 15.84 -11.94
N GLN A 100 -7.80 16.03 -10.77
CA GLN A 100 -7.98 17.22 -9.93
C GLN A 100 -7.01 18.34 -10.29
N ASP A 101 -5.96 18.05 -11.09
CA ASP A 101 -4.82 18.92 -11.44
C ASP A 101 -3.81 18.96 -10.27
N ARG A 102 -4.28 19.38 -9.06
CA ARG A 102 -3.53 19.42 -7.80
C ARG A 102 -4.54 19.48 -6.66
N LEU A 103 -4.12 19.09 -5.46
CA LEU A 103 -5.03 19.10 -4.30
C LEU A 103 -4.73 20.34 -3.47
N SER A 104 -5.74 20.82 -2.72
CA SER A 104 -5.55 21.96 -1.82
C SER A 104 -4.67 21.46 -0.66
N GLU A 105 -4.16 22.38 0.15
CA GLU A 105 -3.39 21.99 1.32
C GLU A 105 -4.21 21.07 2.23
N GLU A 106 -5.48 21.41 2.44
CA GLU A 106 -6.43 20.70 3.30
C GLU A 106 -6.72 19.28 2.78
N GLU A 107 -6.98 19.16 1.47
CA GLU A 107 -7.24 17.85 0.90
C GLU A 107 -5.94 17.02 0.85
N THR A 108 -4.80 17.68 0.64
CA THR A 108 -3.51 16.96 0.65
C THR A 108 -3.28 16.34 2.04
N ARG A 109 -3.63 17.08 3.12
CA ARG A 109 -3.47 16.64 4.49
C ARG A 109 -4.31 15.41 4.78
N VAL A 110 -5.58 15.37 4.28
CA VAL A 110 -6.50 14.23 4.44
C VAL A 110 -5.80 12.97 3.89
N VAL A 111 -5.30 13.04 2.65
N VAL A 111 -5.29 13.07 2.67
CA VAL A 111 -4.61 11.91 2.02
CA VAL A 111 -4.58 12.03 1.94
C VAL A 111 -3.22 11.60 2.59
C VAL A 111 -3.26 11.65 2.61
N PHE A 112 -2.41 12.65 2.89
CA PHE A 112 -1.05 12.46 3.45
C PHE A 112 -0.98 11.80 4.83
N ARG A 113 -1.96 12.10 5.70
CA ARG A 113 -2.05 11.49 7.02
C ARG A 113 -2.33 9.99 6.90
N GLN A 114 -3.05 9.57 5.82
CA GLN A 114 -3.30 8.14 5.57
C GLN A 114 -2.02 7.44 5.08
N ILE A 115 -1.25 8.12 4.23
CA ILE A 115 0.05 7.59 3.75
C ILE A 115 0.99 7.47 4.97
N VAL A 116 1.07 8.52 5.81
CA VAL A 116 1.92 8.51 6.98
C VAL A 116 1.56 7.30 7.92
N SER A 117 0.24 7.10 8.15
CA SER A 117 -0.30 6.01 9.00
C SER A 117 0.19 4.67 8.46
N ALA A 118 0.01 4.41 7.14
CA ALA A 118 0.46 3.14 6.54
C ALA A 118 1.97 2.93 6.67
N VAL A 119 2.76 3.93 6.24
CA VAL A 119 4.23 3.85 6.22
C VAL A 119 4.84 3.69 7.61
N ALA A 120 4.32 4.43 8.62
CA ALA A 120 4.82 4.32 9.99
C ALA A 120 4.55 2.92 10.53
N TYR A 121 3.37 2.34 10.18
CA TYR A 121 3.05 0.98 10.61
C TYR A 121 4.01 -0.03 9.93
N VAL A 122 4.26 0.13 8.63
CA VAL A 122 5.18 -0.75 7.89
C VAL A 122 6.54 -0.76 8.64
N HIS A 123 7.04 0.45 9.01
CA HIS A 123 8.33 0.56 9.73
C HIS A 123 8.25 -0.06 11.11
N SER A 124 7.11 0.09 11.80
CA SER A 124 6.92 -0.51 13.13
C SER A 124 7.01 -2.05 13.08
N GLN A 125 6.70 -2.65 11.91
CA GLN A 125 6.75 -4.10 11.68
C GLN A 125 8.14 -4.59 11.20
N GLY A 126 9.09 -3.68 11.07
CA GLY A 126 10.45 -4.04 10.66
C GLY A 126 10.68 -4.06 9.16
N TYR A 127 9.77 -3.46 8.38
CA TYR A 127 9.92 -3.41 6.93
C TYR A 127 10.05 -1.97 6.45
N ALA A 128 10.35 -1.81 5.17
CA ALA A 128 10.41 -0.53 4.47
C ALA A 128 9.72 -0.78 3.11
N HIS A 129 9.02 0.21 2.55
CA HIS A 129 8.33 0.00 1.27
C HIS A 129 9.30 0.08 0.09
N ARG A 130 10.11 1.16 0.01
CA ARG A 130 11.14 1.43 -1.02
C ARG A 130 10.61 1.80 -2.43
N ASP A 131 9.29 1.84 -2.64
CA ASP A 131 8.75 2.20 -3.95
C ASP A 131 7.47 3.00 -3.81
N LEU A 132 7.46 3.96 -2.88
CA LEU A 132 6.30 4.80 -2.61
C LEU A 132 6.16 5.77 -3.75
N LYS A 133 4.97 5.82 -4.32
CA LYS A 133 4.64 6.65 -5.49
C LYS A 133 3.14 6.60 -5.63
N PRO A 134 2.47 7.57 -6.31
CA PRO A 134 0.98 7.58 -6.29
C PRO A 134 0.31 6.46 -7.04
N GLU A 135 1.06 5.75 -7.91
CA GLU A 135 0.56 4.55 -8.61
C GLU A 135 0.42 3.42 -7.57
N ASN A 136 1.15 3.50 -6.43
CA ASN A 136 1.13 2.49 -5.36
C ASN A 136 0.16 2.73 -4.22
N LEU A 137 -0.77 3.67 -4.41
CA LEU A 137 -1.79 4.03 -3.43
C LEU A 137 -3.14 4.05 -4.11
N LEU A 138 -4.04 3.18 -3.63
CA LEU A 138 -5.36 3.02 -4.24
C LEU A 138 -6.47 3.48 -3.34
N PHE A 139 -7.58 3.94 -3.89
CA PHE A 139 -8.73 4.35 -3.08
C PHE A 139 -9.72 3.20 -3.02
N ASP A 140 -10.23 2.88 -1.84
CA ASP A 140 -11.27 1.84 -1.75
C ASP A 140 -12.66 2.49 -1.94
N GLU A 141 -13.76 1.72 -1.78
CA GLU A 141 -15.14 2.23 -1.93
C GLU A 141 -15.50 3.37 -0.94
N TYR A 142 -14.76 3.47 0.19
CA TYR A 142 -14.99 4.49 1.22
C TYR A 142 -14.08 5.71 0.99
N HIS A 143 -13.32 5.73 -0.14
CA HIS A 143 -12.38 6.81 -0.52
C HIS A 143 -11.18 6.89 0.47
N LYS A 144 -10.80 5.74 1.06
CA LYS A 144 -9.66 5.64 1.98
C LYS A 144 -8.50 5.04 1.19
N LEU A 145 -7.27 5.48 1.49
CA LEU A 145 -6.11 5.00 0.77
C LEU A 145 -5.64 3.67 1.25
N LYS A 146 -5.12 2.87 0.32
CA LYS A 146 -4.57 1.51 0.50
C LYS A 146 -3.26 1.43 -0.24
N LEU A 147 -2.20 1.16 0.49
CA LEU A 147 -0.86 1.00 -0.02
C LEU A 147 -0.70 -0.40 -0.61
N ILE A 148 -0.10 -0.47 -1.82
CA ILE A 148 0.17 -1.71 -2.57
C ILE A 148 1.65 -1.74 -3.01
N ASP A 149 2.02 -2.81 -3.78
CA ASP A 149 3.30 -3.10 -4.45
C ASP A 149 4.52 -2.91 -3.60
N PHE A 150 4.58 -3.62 -2.48
CA PHE A 150 5.74 -3.60 -1.59
C PHE A 150 6.96 -4.06 -2.33
N GLY A 151 8.06 -3.32 -2.13
CA GLY A 151 9.36 -3.59 -2.74
C GLY A 151 9.63 -2.73 -3.95
N SER A 170 9.25 5.45 -10.79
CA SER A 170 10.03 5.13 -9.59
C SER A 170 11.28 5.97 -9.44
N LEU A 171 12.06 6.20 -10.54
CA LEU A 171 13.26 7.03 -10.48
C LEU A 171 12.98 8.43 -9.89
N ALA A 172 11.91 9.09 -10.35
CA ALA A 172 11.50 10.40 -9.85
C ALA A 172 11.24 10.41 -8.32
N TYR A 173 10.89 9.25 -7.74
CA TYR A 173 10.58 9.11 -6.32
C TYR A 173 11.74 8.58 -5.50
N ALA A 174 12.82 8.14 -6.15
CA ALA A 174 13.97 7.54 -5.48
C ALA A 174 14.88 8.54 -4.81
N ALA A 175 15.29 8.21 -3.58
CA ALA A 175 16.22 9.00 -2.78
C ALA A 175 17.62 9.04 -3.41
N PRO A 176 18.35 10.18 -3.27
CA PRO A 176 19.69 10.29 -3.90
C PRO A 176 20.62 9.11 -3.62
N GLU A 177 20.70 8.66 -2.34
CA GLU A 177 21.56 7.55 -1.93
C GLU A 177 21.21 6.21 -2.59
N LEU A 178 19.90 5.98 -2.83
CA LEU A 178 19.33 4.77 -3.45
C LEU A 178 19.75 4.70 -4.93
N ILE A 179 19.77 5.86 -5.63
CA ILE A 179 20.16 5.91 -7.04
C ILE A 179 21.67 5.69 -7.18
N GLN A 180 22.47 6.33 -6.30
CA GLN A 180 23.93 6.25 -6.30
C GLN A 180 24.48 4.86 -6.01
N GLY A 181 23.60 3.94 -5.63
CA GLY A 181 23.93 2.56 -5.27
C GLY A 181 24.58 2.46 -3.90
N LYS A 182 24.39 3.48 -3.05
CA LYS A 182 24.97 3.54 -1.70
C LYS A 182 24.16 2.72 -0.73
N SER A 183 24.76 2.36 0.42
CA SER A 183 24.01 1.64 1.45
C SER A 183 22.99 2.64 2.01
N TYR A 184 21.79 2.17 2.31
CA TYR A 184 20.75 3.05 2.79
C TYR A 184 19.86 2.35 3.80
N LEU A 185 19.12 3.14 4.56
CA LEU A 185 18.11 2.66 5.49
C LEU A 185 16.81 2.88 4.73
N GLY A 186 16.01 1.82 4.64
CA GLY A 186 14.74 1.87 3.91
C GLY A 186 13.77 2.90 4.45
N SER A 187 13.86 3.17 5.77
CA SER A 187 13.00 4.14 6.44
C SER A 187 13.32 5.54 5.96
N GLU A 188 14.60 5.83 5.77
CA GLU A 188 15.01 7.16 5.29
C GLU A 188 14.68 7.35 3.82
N ALA A 189 14.73 6.25 3.01
CA ALA A 189 14.41 6.32 1.59
C ALA A 189 12.89 6.55 1.46
N ASP A 190 12.08 5.90 2.34
CA ASP A 190 10.62 6.09 2.42
C ASP A 190 10.25 7.53 2.75
N VAL A 191 10.95 8.18 3.71
CA VAL A 191 10.70 9.57 4.09
C VAL A 191 10.95 10.52 2.90
N TRP A 192 12.05 10.28 2.14
CA TRP A 192 12.33 11.07 0.92
C TRP A 192 11.15 10.89 -0.07
N SER A 193 10.79 9.64 -0.42
CA SER A 193 9.69 9.35 -1.38
C SER A 193 8.40 10.02 -0.91
N MET A 194 8.17 10.08 0.42
CA MET A 194 6.99 10.76 0.97
C MET A 194 7.02 12.26 0.78
N GLY A 195 8.21 12.85 0.84
CA GLY A 195 8.45 14.27 0.52
C GLY A 195 8.11 14.55 -0.94
N ILE A 196 8.51 13.64 -1.86
CA ILE A 196 8.16 13.75 -3.30
C ILE A 196 6.64 13.69 -3.47
N LEU A 197 5.95 12.73 -2.78
CA LEU A 197 4.49 12.56 -2.83
C LEU A 197 3.79 13.83 -2.30
N LEU A 198 4.27 14.37 -1.18
CA LEU A 198 3.73 15.60 -0.61
C LEU A 198 3.76 16.77 -1.65
N TYR A 199 4.90 16.92 -2.35
CA TYR A 199 5.06 17.96 -3.37
C TYR A 199 4.08 17.77 -4.53
N VAL A 200 3.98 16.54 -5.04
CA VAL A 200 3.11 16.17 -6.15
C VAL A 200 1.63 16.39 -5.78
N LEU A 201 1.25 16.02 -4.55
CA LEU A 201 -0.13 16.21 -4.09
C LEU A 201 -0.56 17.68 -4.15
N MET A 202 0.32 18.58 -3.69
CA MET A 202 0.06 20.02 -3.64
C MET A 202 0.40 20.77 -4.92
N CYS A 203 1.23 20.19 -5.79
CA CYS A 203 1.63 20.88 -7.02
C CYS A 203 1.06 20.30 -8.30
N GLY A 204 0.83 18.99 -8.34
CA GLY A 204 0.36 18.32 -9.55
C GLY A 204 1.43 18.01 -10.56
N PHE A 205 2.71 18.19 -10.18
CA PHE A 205 3.88 17.91 -11.00
C PHE A 205 5.03 17.57 -10.07
N LEU A 206 6.05 16.88 -10.59
CA LEU A 206 7.21 16.42 -9.83
C LEU A 206 8.21 17.54 -9.50
N PRO A 207 8.86 17.50 -8.31
CA PRO A 207 9.89 18.53 -8.03
C PRO A 207 11.16 18.35 -8.88
N PHE A 208 11.50 17.09 -9.21
CA PHE A 208 12.67 16.73 -10.02
C PHE A 208 12.16 15.98 -11.22
N ASP A 209 12.32 16.58 -12.42
CA ASP A 209 11.87 15.95 -13.65
C ASP A 209 12.70 16.33 -14.86
N ASP A 210 12.86 15.37 -15.78
CA ASP A 210 13.60 15.57 -17.02
C ASP A 210 13.31 14.41 -17.95
N ASP A 211 13.36 14.66 -19.26
CA ASP A 211 13.18 13.67 -20.34
C ASP A 211 14.42 12.77 -20.40
N ASN A 212 15.60 13.31 -20.03
CA ASN A 212 16.82 12.51 -20.00
C ASN A 212 17.07 11.95 -18.59
N VAL A 213 17.31 10.64 -18.52
CA VAL A 213 17.54 9.92 -17.24
C VAL A 213 18.79 10.45 -16.49
N MET A 214 19.86 10.82 -17.22
CA MET A 214 21.08 11.31 -16.55
C MET A 214 20.85 12.67 -15.94
N ALA A 215 20.11 13.53 -16.64
CA ALA A 215 19.78 14.89 -16.18
C ALA A 215 18.82 14.84 -14.98
N LEU A 216 17.92 13.84 -14.95
CA LEU A 216 17.01 13.65 -13.82
C LEU A 216 17.85 13.23 -12.60
N TYR A 217 18.80 12.30 -12.81
CA TYR A 217 19.74 11.77 -11.83
C TYR A 217 20.52 12.96 -11.21
N LYS A 218 21.05 13.92 -12.05
CA LYS A 218 21.76 15.12 -11.57
C LYS A 218 20.80 15.97 -10.70
N LYS A 219 19.57 16.22 -11.20
CA LYS A 219 18.60 17.03 -10.46
C LYS A 219 18.25 16.49 -9.08
N ILE A 220 18.10 15.17 -8.94
CA ILE A 220 17.75 14.52 -7.65
C ILE A 220 18.89 14.70 -6.65
N MET A 221 20.12 14.42 -7.10
CA MET A 221 21.31 14.55 -6.25
C MET A 221 21.61 15.98 -5.84
N ARG A 222 21.27 16.97 -6.69
CA ARG A 222 21.45 18.37 -6.33
C ARG A 222 20.38 18.79 -5.26
N GLY A 223 19.16 18.20 -5.32
CA GLY A 223 18.10 18.49 -4.36
C GLY A 223 17.43 19.87 -4.46
N LYS A 224 17.66 20.62 -5.54
CA LYS A 224 17.03 21.94 -5.76
C LYS A 224 15.74 21.79 -6.57
N TYR A 225 14.66 22.43 -6.12
CA TYR A 225 13.36 22.38 -6.79
C TYR A 225 12.67 23.72 -6.73
N ASP A 226 11.74 23.96 -7.67
CA ASP A 226 10.95 25.19 -7.67
C ASP A 226 9.90 25.11 -6.55
N VAL A 227 9.66 26.24 -5.90
CA VAL A 227 8.67 26.36 -4.84
C VAL A 227 7.51 27.19 -5.40
N PRO A 228 6.41 26.58 -5.90
CA PRO A 228 5.30 27.40 -6.45
C PRO A 228 4.68 28.38 -5.45
N LYS A 229 4.04 29.44 -5.97
CA LYS A 229 3.45 30.52 -5.17
C LYS A 229 2.25 30.14 -4.29
N TRP A 230 1.56 29.04 -4.61
CA TRP A 230 0.38 28.61 -3.86
C TRP A 230 0.72 27.84 -2.57
N LEU A 231 1.99 27.45 -2.40
CA LEU A 231 2.40 26.71 -1.20
C LEU A 231 2.51 27.64 0.01
N SER A 232 1.92 27.22 1.12
CA SER A 232 1.95 27.95 2.38
C SER A 232 3.35 27.87 3.01
N PRO A 233 3.72 28.79 3.94
CA PRO A 233 5.04 28.68 4.60
C PRO A 233 5.22 27.38 5.38
N SER A 234 4.15 26.83 6.01
CA SER A 234 4.31 25.57 6.76
C SER A 234 4.54 24.36 5.84
N SER A 235 3.85 24.31 4.67
CA SER A 235 4.02 23.26 3.65
C SER A 235 5.47 23.25 3.19
N ILE A 236 6.02 24.46 2.89
CA ILE A 236 7.39 24.68 2.40
C ILE A 236 8.40 24.11 3.39
N LEU A 237 8.22 24.42 4.70
CA LEU A 237 9.09 23.95 5.78
C LEU A 237 9.01 22.43 5.93
N LEU A 238 7.81 21.82 5.80
CA LEU A 238 7.70 20.35 5.88
C LEU A 238 8.44 19.70 4.71
N LEU A 239 8.31 20.26 3.49
CA LEU A 239 9.00 19.72 2.31
C LEU A 239 10.50 19.74 2.52
N GLN A 240 11.04 20.83 3.13
CA GLN A 240 12.47 21.01 3.44
C GLN A 240 12.96 19.94 4.41
N GLN A 241 12.15 19.59 5.38
CA GLN A 241 12.48 18.60 6.40
C GLN A 241 12.50 17.15 5.88
N MET A 242 11.78 16.89 4.78
CA MET A 242 11.67 15.56 4.17
C MET A 242 12.64 15.43 3.02
N LEU A 243 12.74 16.48 2.20
CA LEU A 243 13.59 16.49 1.01
C LEU A 243 15.02 16.99 1.30
N GLN A 244 15.72 16.27 2.18
CA GLN A 244 17.11 16.54 2.49
C GLN A 244 17.91 15.47 1.79
N VAL A 245 18.88 15.90 0.98
CA VAL A 245 19.78 15.00 0.23
C VAL A 245 20.56 14.10 1.20
N ASP A 246 20.98 14.67 2.36
CA ASP A 246 21.66 13.90 3.41
C ASP A 246 20.58 13.13 4.21
N PRO A 247 20.54 11.79 4.10
CA PRO A 247 19.49 11.00 4.80
C PRO A 247 19.40 11.18 6.31
N LYS A 248 20.51 11.57 6.96
CA LYS A 248 20.59 11.81 8.39
C LYS A 248 19.95 13.13 8.79
N LYS A 249 19.85 14.08 7.84
CA LYS A 249 19.19 15.37 8.04
C LYS A 249 17.66 15.25 7.80
N ARG A 250 17.18 14.08 7.29
CA ARG A 250 15.74 13.88 7.05
C ARG A 250 15.00 13.68 8.37
N ILE A 251 13.77 14.23 8.45
CA ILE A 251 12.89 14.08 9.61
C ILE A 251 12.64 12.58 9.85
N SER A 252 12.57 12.17 11.13
CA SER A 252 12.29 10.77 11.43
C SER A 252 10.77 10.56 11.34
N MET A 253 10.32 9.32 11.17
CA MET A 253 8.89 8.98 11.12
C MET A 253 8.15 9.40 12.38
N LYS A 254 8.82 9.27 13.54
CA LYS A 254 8.30 9.63 14.84
C LYS A 254 7.89 11.11 14.88
N ASN A 255 8.74 12.00 14.38
CA ASN A 255 8.47 13.45 14.37
C ASN A 255 7.49 13.87 13.28
N LEU A 256 7.22 12.96 12.34
CA LEU A 256 6.28 13.21 11.28
C LEU A 256 4.86 12.98 11.82
N LEU A 257 4.68 12.00 12.73
CA LEU A 257 3.38 11.64 13.32
C LEU A 257 2.65 12.84 13.96
N ASN A 258 3.38 13.73 14.65
CA ASN A 258 2.78 14.91 15.28
C ASN A 258 3.41 16.22 14.78
N HIS A 259 3.95 16.24 13.54
CA HIS A 259 4.54 17.46 12.95
C HIS A 259 3.49 18.60 12.95
N PRO A 260 3.83 19.89 13.21
CA PRO A 260 2.80 20.94 13.22
C PRO A 260 1.91 21.03 11.96
N TRP A 261 2.48 20.78 10.74
CA TRP A 261 1.71 20.80 9.48
C TRP A 261 0.69 19.66 9.49
N ILE A 262 1.10 18.49 10.00
CA ILE A 262 0.27 17.26 10.10
C ILE A 262 -0.91 17.46 11.11
N MET A 263 -0.65 18.16 12.22
CA MET A 263 -1.63 18.41 13.30
C MET A 263 -2.63 19.51 12.98
N GLN A 264 -2.30 20.40 12.01
CA GLN A 264 -3.14 21.52 11.61
C GLN A 264 -4.52 21.02 11.22
N ASP A 265 -5.56 21.56 11.88
CA ASP A 265 -6.99 21.23 11.71
C ASP A 265 -7.38 19.85 12.31
N TYR A 266 -6.40 19.13 12.88
CA TYR A 266 -6.63 17.80 13.47
C TYR A 266 -6.42 17.83 14.98
N ASN A 267 -5.30 18.42 15.44
CA ASN A 267 -4.90 18.55 16.84
C ASN A 267 -4.68 17.22 17.59
N TYR A 268 -4.44 16.16 16.83
CA TYR A 268 -4.09 14.84 17.35
C TYR A 268 -3.11 14.18 16.38
N PRO A 269 -2.11 13.45 16.90
CA PRO A 269 -1.13 12.81 15.99
C PRO A 269 -1.75 11.75 15.09
N VAL A 270 -1.04 11.40 14.01
CA VAL A 270 -1.49 10.38 13.08
C VAL A 270 -1.61 9.05 13.82
N GLU A 271 -2.78 8.39 13.67
CA GLU A 271 -2.99 7.08 14.25
C GLU A 271 -2.42 6.08 13.26
N TRP A 272 -1.25 5.55 13.58
CA TRP A 272 -0.55 4.63 12.70
C TRP A 272 -0.84 3.19 13.09
N GLN A 273 -1.20 2.97 14.38
CA GLN A 273 -1.45 1.62 14.88
C GLN A 273 -2.54 0.91 14.10
N SER A 274 -2.36 -0.38 13.84
CA SER A 274 -3.39 -1.13 13.12
C SER A 274 -4.70 -1.26 13.92
N LYS A 275 -5.84 -1.15 13.23
CA LYS A 275 -7.21 -1.33 13.76
C LYS A 275 -7.72 -2.72 13.33
N ASN A 276 -6.99 -3.38 12.39
CA ASN A 276 -7.31 -4.68 11.76
C ASN A 276 -6.52 -5.79 12.48
N PRO A 277 -7.12 -6.52 13.46
CA PRO A 277 -6.33 -7.50 14.21
C PRO A 277 -6.07 -8.86 13.56
N PHE A 278 -5.01 -9.52 14.06
CA PHE A 278 -4.63 -10.88 13.74
C PHE A 278 -5.19 -11.73 14.90
N ILE A 279 -5.09 -11.20 16.15
CA ILE A 279 -5.50 -11.85 17.39
C ILE A 279 -7.03 -12.01 17.53
N HIS A 280 -7.77 -10.90 17.74
CA HIS A 280 -9.23 -10.92 17.92
C HIS A 280 -10.00 -11.34 16.68
N LEU A 281 -10.96 -12.28 16.86
CA LEU A 281 -11.81 -12.77 15.78
C LEU A 281 -13.23 -12.28 15.96
N ASP A 282 -13.88 -11.91 14.85
CA ASP A 282 -15.25 -11.43 14.86
C ASP A 282 -16.23 -12.60 14.95
N ASP A 283 -17.01 -12.64 16.06
CA ASP A 283 -17.97 -13.71 16.34
C ASP A 283 -19.03 -13.95 15.26
N ASP A 284 -19.48 -12.87 14.59
CA ASP A 284 -20.48 -12.96 13.52
C ASP A 284 -19.90 -13.69 12.31
N CYS A 285 -18.66 -13.34 11.97
CA CYS A 285 -17.93 -13.93 10.86
C CYS A 285 -17.51 -15.37 11.10
N VAL A 286 -17.08 -15.71 12.34
CA VAL A 286 -16.80 -17.11 12.70
C VAL A 286 -18.11 -17.91 12.56
N THR A 287 -19.23 -17.34 13.06
CA THR A 287 -20.56 -17.99 12.98
C THR A 287 -20.95 -18.23 11.53
N GLU A 288 -20.90 -17.18 10.68
CA GLU A 288 -21.25 -17.28 9.25
C GLU A 288 -20.37 -18.33 8.57
N LEU A 289 -19.07 -18.28 8.82
CA LEU A 289 -18.09 -19.20 8.25
C LEU A 289 -18.35 -20.69 8.64
N SER A 290 -18.65 -20.96 9.94
CA SER A 290 -18.91 -22.30 10.47
C SER A 290 -20.03 -23.07 9.77
N VAL A 291 -21.06 -22.38 9.23
CA VAL A 291 -22.16 -23.06 8.52
C VAL A 291 -21.71 -23.74 7.20
N HIS A 292 -20.61 -23.26 6.59
CA HIS A 292 -20.05 -23.81 5.34
C HIS A 292 -19.05 -24.95 5.58
N HIS A 293 -18.73 -25.26 6.83
CA HIS A 293 -17.78 -26.31 7.19
C HIS A 293 -18.45 -27.33 8.11
N ARG A 294 -17.89 -28.55 8.18
CA ARG A 294 -18.45 -29.64 9.00
C ARG A 294 -17.83 -29.73 10.41
N ASN A 295 -17.04 -28.72 10.81
CA ASN A 295 -16.37 -28.65 12.10
C ASN A 295 -17.22 -27.88 13.12
N ASN A 296 -16.86 -28.00 14.41
CA ASN A 296 -17.48 -27.24 15.49
C ASN A 296 -16.83 -25.85 15.53
N ARG A 297 -17.44 -24.90 16.25
CA ARG A 297 -16.98 -23.52 16.38
C ARG A 297 -15.52 -23.35 16.84
N GLN A 298 -15.12 -24.07 17.92
CA GLN A 298 -13.77 -23.97 18.47
C GLN A 298 -12.70 -24.43 17.47
N THR A 299 -12.97 -25.55 16.75
CA THR A 299 -12.09 -26.09 15.70
C THR A 299 -11.95 -25.01 14.61
N MET A 300 -13.08 -24.37 14.22
CA MET A 300 -13.16 -23.31 13.23
C MET A 300 -12.32 -22.12 13.62
N GLU A 301 -12.44 -21.64 14.86
CA GLU A 301 -11.66 -20.53 15.41
C GLU A 301 -10.17 -20.84 15.42
N ASP A 302 -9.80 -22.10 15.74
CA ASP A 302 -8.42 -22.60 15.77
C ASP A 302 -7.85 -22.59 14.36
N LEU A 303 -8.62 -23.06 13.37
CA LEU A 303 -8.19 -23.08 11.97
C LEU A 303 -7.96 -21.68 11.40
N ILE A 304 -8.90 -20.73 11.65
CA ILE A 304 -8.80 -19.33 11.22
C ILE A 304 -7.53 -18.67 11.78
N SER A 305 -7.26 -18.87 13.10
CA SER A 305 -6.12 -18.32 13.84
C SER A 305 -4.74 -18.74 13.33
N LEU A 306 -4.67 -19.83 12.55
CA LEU A 306 -3.41 -20.29 11.94
C LEU A 306 -2.96 -19.33 10.84
N TRP A 307 -3.91 -18.56 10.26
CA TRP A 307 -3.71 -17.59 9.18
C TRP A 307 -2.86 -18.16 8.04
N GLN A 308 -3.32 -19.27 7.43
CA GLN A 308 -2.59 -19.94 6.35
C GLN A 308 -2.66 -19.26 4.96
N TYR A 309 -3.48 -18.22 4.79
CA TYR A 309 -3.72 -17.55 3.50
C TYR A 309 -4.27 -18.50 2.40
N ASP A 310 -5.09 -19.47 2.84
CA ASP A 310 -5.82 -20.45 2.04
C ASP A 310 -7.28 -19.90 1.91
N HIS A 311 -8.24 -20.71 1.36
CA HIS A 311 -9.63 -20.29 1.17
C HIS A 311 -10.32 -19.88 2.47
N LEU A 312 -9.99 -20.54 3.59
CA LEU A 312 -10.52 -20.23 4.91
C LEU A 312 -10.18 -18.80 5.34
N THR A 313 -8.90 -18.39 5.18
CA THR A 313 -8.43 -17.03 5.46
C THR A 313 -9.21 -16.06 4.58
N ALA A 314 -9.29 -16.34 3.25
CA ALA A 314 -10.00 -15.49 2.30
C ALA A 314 -11.47 -15.25 2.70
N THR A 315 -12.20 -16.35 2.97
CA THR A 315 -13.63 -16.31 3.35
C THR A 315 -13.80 -15.47 4.63
N TYR A 316 -12.99 -15.75 5.67
CA TYR A 316 -13.10 -14.98 6.91
C TYR A 316 -12.90 -13.46 6.67
N LEU A 317 -11.80 -13.08 5.99
CA LEU A 317 -11.50 -11.67 5.76
C LEU A 317 -12.51 -10.98 4.88
N LEU A 318 -13.10 -11.72 3.92
CA LEU A 318 -14.14 -11.18 3.05
C LEU A 318 -15.47 -11.00 3.76
N LEU A 319 -15.81 -11.90 4.73
CA LEU A 319 -17.04 -11.79 5.54
C LEU A 319 -16.92 -10.53 6.42
N LEU A 320 -15.72 -10.28 6.95
CA LEU A 320 -15.41 -9.12 7.77
C LEU A 320 -15.61 -7.83 6.92
N ALA A 321 -15.12 -7.85 5.66
CA ALA A 321 -15.29 -6.73 4.73
C ALA A 321 -16.78 -6.55 4.37
N LYS A 322 -17.54 -7.65 4.23
CA LYS A 322 -18.98 -7.61 3.93
C LYS A 322 -19.73 -6.94 5.10
N LYS A 323 -19.34 -7.30 6.34
CA LYS A 323 -19.90 -6.79 7.60
C LYS A 323 -19.68 -5.28 7.74
N ALA A 324 -18.42 -4.83 7.56
CA ALA A 324 -18.01 -3.42 7.65
C ALA A 324 -18.78 -2.49 6.70
N ARG A 325 -19.29 -3.04 5.57
CA ARG A 325 -20.09 -2.29 4.59
C ARG A 325 -21.46 -1.92 5.18
N GLY A 326 -22.06 -2.86 5.91
CA GLY A 326 -23.36 -2.69 6.55
C GLY A 326 -24.52 -2.73 5.57
#